data_4OKT
#
_entry.id   4OKT
#
_cell.length_a   54.604
_cell.length_b   65.909
_cell.length_c   68.334
_cell.angle_alpha   90.00
_cell.angle_beta   90.00
_cell.angle_gamma   90.00
#
_symmetry.space_group_name_H-M   'P 21 21 21'
#
loop_
_entity.id
_entity.type
_entity.pdbx_description
1 polymer 'Androgen receptor'
2 polymer 'co-regulator peptide'
3 non-polymer R-BICALUTAMIDE
4 water water
#
loop_
_entity_poly.entity_id
_entity_poly.type
_entity_poly.pdbx_seq_one_letter_code
_entity_poly.pdbx_strand_id
1 'polypeptide(L)'
;QPIFLNVLEAIEPGVVCAGHDNNQPDSFAALLSSLNELGERQLVHVVKWAKALPGFRNLHVDDQMAVIQYSLMGLMVFAM
GWRSFTNVNSAMLYFAPDLVFNEYRMHKSRMYSQCVRMRHLSQEFGWLQITPQEFLCMKALLLFSIIPVDGLKNQKFFDE
LRMNYIKELDRIIACKRKNPTSCSRRFYQLTKLLDSVQPIARELHQFTFDLLIKSHMVSVDFPEMMAEIISVQVPKILSG
KVKPIYFHTQ
;
A
2 'polypeptide(L)' SDSAFSRLYTRS B
#
# COMPACT_ATOMS: atom_id res chain seq x y z
N GLN A 1 5.68 -14.92 24.15
CA GLN A 1 4.63 -13.90 24.01
C GLN A 1 4.90 -12.99 22.78
N PRO A 2 4.15 -13.17 21.68
CA PRO A 2 4.52 -12.48 20.46
C PRO A 2 4.03 -11.02 20.48
N ILE A 3 4.79 -10.16 21.14
CA ILE A 3 4.30 -8.83 21.45
C ILE A 3 4.13 -7.96 20.21
N PHE A 4 5.14 -7.98 19.33
CA PHE A 4 5.11 -7.18 18.10
C PHE A 4 3.87 -7.53 17.24
N LEU A 5 3.58 -8.82 17.21
CA LEU A 5 2.63 -9.39 16.29
C LEU A 5 1.21 -9.23 16.78
N ASN A 6 1.04 -9.34 18.11
CA ASN A 6 -0.22 -9.03 18.74
C ASN A 6 -0.65 -7.64 18.36
N VAL A 7 0.31 -6.71 18.34
CA VAL A 7 0.02 -5.32 18.05
C VAL A 7 -0.49 -5.17 16.62
N LEU A 8 0.19 -5.83 15.69
CA LEU A 8 -0.18 -5.70 14.29
C LEU A 8 -1.59 -6.19 14.05
N GLU A 9 -1.94 -7.29 14.71
CA GLU A 9 -3.28 -7.87 14.63
C GLU A 9 -4.27 -6.95 15.33
N ALA A 10 -3.89 -6.41 16.48
CA ALA A 10 -4.74 -5.48 17.20
C ALA A 10 -5.14 -4.22 16.37
N ILE A 11 -4.19 -3.67 15.61
CA ILE A 11 -4.34 -2.35 14.95
C ILE A 11 -4.77 -2.49 13.51
N GLU A 12 -4.94 -3.71 13.02
CA GLU A 12 -5.24 -3.89 11.60
C GLU A 12 -6.61 -3.28 11.20
N PRO A 13 -6.63 -2.36 10.23
CA PRO A 13 -7.89 -1.77 9.79
C PRO A 13 -8.94 -2.81 9.48
N GLY A 14 -10.22 -2.48 9.69
CA GLY A 14 -11.27 -3.36 9.23
C GLY A 14 -11.65 -3.03 7.78
N VAL A 15 -12.81 -3.53 7.37
CA VAL A 15 -13.30 -3.38 6.00
C VAL A 15 -13.72 -1.95 5.69
N VAL A 16 -13.32 -1.43 4.53
CA VAL A 16 -13.65 -0.07 4.12
C VAL A 16 -14.39 -0.10 2.79
N CYS A 17 -15.52 0.62 2.71
CA CYS A 17 -16.35 0.58 1.50
C CYS A 17 -16.21 1.84 0.66
N ALA A 18 -16.25 1.65 -0.65
CA ALA A 18 -16.07 2.72 -1.60
C ALA A 18 -17.31 3.64 -1.77
N GLY A 19 -18.53 3.13 -1.62
CA GLY A 19 -19.73 3.90 -1.89
C GLY A 19 -20.12 3.94 -3.36
N HIS A 20 -19.61 2.99 -4.14
CA HIS A 20 -19.82 2.97 -5.59
C HIS A 20 -21.23 2.51 -5.87
N ASP A 21 -21.83 3.05 -6.94
CA ASP A 21 -23.16 2.63 -7.34
C ASP A 21 -23.05 1.47 -8.34
N ASN A 22 -23.15 0.26 -7.84
CA ASN A 22 -22.99 -0.91 -8.69
C ASN A 22 -24.20 -1.18 -9.59
N ASN A 23 -25.32 -0.53 -9.33
CA ASN A 23 -26.53 -0.69 -10.14
C ASN A 23 -26.46 0.06 -11.49
N GLN A 24 -25.60 1.08 -11.58
CA GLN A 24 -25.36 1.84 -12.81
C GLN A 24 -24.46 0.98 -13.70
N PRO A 25 -24.59 1.08 -15.04
CA PRO A 25 -23.61 0.43 -15.92
C PRO A 25 -22.22 1.05 -15.77
N ASP A 26 -21.18 0.21 -15.79
CA ASP A 26 -19.80 0.66 -15.67
C ASP A 26 -19.39 1.78 -16.61
N SER A 27 -18.88 2.88 -16.06
CA SER A 27 -18.16 3.87 -16.83
C SER A 27 -16.75 4.07 -16.27
N PHE A 28 -15.87 4.60 -17.09
CA PHE A 28 -14.55 4.92 -16.61
C PHE A 28 -14.62 6.03 -15.54
N ALA A 29 -15.41 7.08 -15.76
CA ALA A 29 -15.40 8.25 -14.85
C ALA A 29 -15.87 7.87 -13.47
N ALA A 30 -16.92 7.08 -13.43
CA ALA A 30 -17.53 6.65 -12.17
C ALA A 30 -16.68 5.60 -11.45
N LEU A 31 -16.04 4.71 -12.21
CA LEU A 31 -15.19 3.73 -11.55
C LEU A 31 -14.03 4.42 -10.84
N LEU A 32 -13.40 5.37 -11.54
CA LEU A 32 -12.22 6.07 -11.03
C LEU A 32 -12.59 7.12 -9.97
N SER A 33 -13.74 7.77 -10.12
CA SER A 33 -14.22 8.62 -9.03
C SER A 33 -14.45 7.77 -7.76
N SER A 34 -14.94 6.55 -7.91
CA SER A 34 -15.11 5.66 -6.77
C SER A 34 -13.79 5.12 -6.21
N LEU A 35 -12.83 4.84 -7.07
CA LEU A 35 -11.48 4.48 -6.61
C LEU A 35 -10.79 5.62 -5.89
N ASN A 36 -10.94 6.84 -6.40
CA ASN A 36 -10.33 8.04 -5.76
C ASN A 36 -10.89 8.27 -4.39
N GLU A 37 -12.18 8.11 -4.25
CA GLU A 37 -12.87 8.28 -2.95
C GLU A 37 -12.49 7.11 -2.03
N LEU A 38 -12.42 5.88 -2.57
CA LEU A 38 -11.97 4.74 -1.77
C LEU A 38 -10.57 4.97 -1.25
N GLY A 39 -9.71 5.52 -2.13
CA GLY A 39 -8.33 5.85 -1.79
C GLY A 39 -8.25 6.74 -0.56
N GLU A 40 -9.09 7.76 -0.53
CA GLU A 40 -9.15 8.68 0.59
C GLU A 40 -9.63 7.98 1.86
N ARG A 41 -10.67 7.19 1.73
CA ARG A 41 -11.18 6.45 2.86
C ARG A 41 -10.13 5.48 3.39
N GLN A 42 -9.40 4.82 2.50
CA GLN A 42 -8.37 3.89 2.94
C GLN A 42 -7.19 4.68 3.54
N LEU A 43 -6.91 5.85 2.99
CA LEU A 43 -5.88 6.71 3.56
C LEU A 43 -6.12 7.03 5.05
N VAL A 44 -7.37 7.32 5.39
CA VAL A 44 -7.74 7.73 6.78
C VAL A 44 -7.41 6.56 7.71
N HIS A 45 -7.82 5.36 7.31
CA HIS A 45 -7.41 4.13 8.01
C HIS A 45 -5.93 3.84 8.06
N VAL A 46 -5.20 4.15 7.00
CA VAL A 46 -3.76 3.97 7.05
C VAL A 46 -3.06 4.93 8.03
N VAL A 47 -3.55 6.17 8.11
CA VAL A 47 -2.95 7.13 9.07
C VAL A 47 -3.16 6.66 10.51
N LYS A 48 -4.36 6.18 10.83
CA LYS A 48 -4.64 5.70 12.18
C LYS A 48 -3.90 4.41 12.51
N TRP A 49 -3.71 3.56 11.50
CA TRP A 49 -2.95 2.32 11.59
C TRP A 49 -1.48 2.61 11.85
N ALA A 50 -0.91 3.50 11.03
CA ALA A 50 0.50 3.80 11.08
C ALA A 50 0.95 4.42 12.42
N LYS A 51 0.18 5.41 12.87
CA LYS A 51 0.49 6.12 14.10
C LYS A 51 0.53 5.21 15.32
N ALA A 52 -0.14 4.06 15.25
CA ALA A 52 -0.18 3.12 16.35
C ALA A 52 0.77 1.94 16.16
N LEU A 53 1.67 2.01 15.17
CA LEU A 53 2.67 0.98 14.97
C LEU A 53 3.80 1.12 15.95
N PRO A 54 4.44 -0.02 16.32
CA PRO A 54 5.62 -0.02 17.18
C PRO A 54 6.75 0.90 16.71
N GLY A 55 7.24 1.74 17.61
CA GLY A 55 8.34 2.65 17.31
C GLY A 55 8.01 3.90 16.49
N PHE A 56 6.78 4.03 16.03
CA PHE A 56 6.48 5.01 15.02
C PHE A 56 6.69 6.45 15.51
N ARG A 57 6.60 6.65 16.83
CA ARG A 57 6.79 7.96 17.46
C ARG A 57 8.27 8.27 17.61
N ASN A 58 9.13 7.25 17.49
CA ASN A 58 10.55 7.47 17.35
C ASN A 58 10.80 8.49 16.25
N LEU A 59 10.03 8.39 15.18
CA LEU A 59 10.21 9.24 14.02
C LEU A 59 9.91 10.69 14.30
N HIS A 60 10.69 11.53 13.67
CA HIS A 60 10.33 12.92 13.56
C HIS A 60 8.95 13.01 12.92
N VAL A 61 8.16 13.96 13.40
CA VAL A 61 6.77 14.09 12.93
C VAL A 61 6.64 14.31 11.40
N ASP A 62 7.57 15.04 10.79
CA ASP A 62 7.55 15.28 9.33
C ASP A 62 7.83 14.02 8.51
N ASP A 63 8.78 13.22 9.01
CA ASP A 63 9.07 11.89 8.45
C ASP A 63 7.86 10.97 8.60
N GLN A 64 7.19 11.08 9.75
CA GLN A 64 5.98 10.30 10.03
C GLN A 64 4.96 10.55 8.95
N MET A 65 4.79 11.82 8.59
CA MET A 65 3.83 12.24 7.58
C MET A 65 4.28 11.85 6.17
N ALA A 66 5.57 12.07 5.92
CA ALA A 66 6.16 11.80 4.60
C ALA A 66 6.06 10.31 4.21
N VAL A 67 6.48 9.41 5.10
CA VAL A 67 6.48 7.98 4.72
C VAL A 67 5.05 7.44 4.48
N ILE A 68 4.06 8.01 5.17
CA ILE A 68 2.67 7.59 4.97
C ILE A 68 2.24 7.96 3.57
N GLN A 69 2.61 9.16 3.15
CA GLN A 69 2.22 9.63 1.83
C GLN A 69 2.95 8.86 0.73
N TYR A 70 4.23 8.61 0.93
CA TYR A 70 5.04 7.89 -0.06
C TYR A 70 4.65 6.42 -0.25
N SER A 71 4.39 5.73 0.87
CA SER A 71 4.12 4.27 0.86
C SER A 71 2.64 3.95 0.60
N LEU A 72 1.79 4.97 0.57
CA LEU A 72 0.36 4.72 0.58
C LEU A 72 -0.06 3.74 -0.53
N MET A 73 0.36 4.04 -1.75
CA MET A 73 -0.05 3.23 -2.90
C MET A 73 0.37 1.75 -2.73
N GLY A 74 1.63 1.52 -2.34
CA GLY A 74 2.14 0.17 -2.13
C GLY A 74 1.40 -0.61 -1.07
N LEU A 75 1.01 0.07 0.02
CA LEU A 75 0.22 -0.55 1.09
C LEU A 75 -1.18 -1.01 0.63
N MET A 76 -1.84 -0.09 -0.07
CA MET A 76 -3.18 -0.33 -0.61
C MET A 76 -3.21 -1.54 -1.55
N VAL A 77 -2.27 -1.53 -2.48
CA VAL A 77 -2.00 -2.64 -3.37
C VAL A 77 -1.77 -3.94 -2.61
N PHE A 78 -0.85 -3.93 -1.63
CA PHE A 78 -0.49 -5.15 -0.91
C PHE A 78 -1.70 -5.75 -0.19
N ALA A 79 -2.45 -4.88 0.50
CA ALA A 79 -3.58 -5.33 1.28
C ALA A 79 -4.69 -5.77 0.36
N MET A 80 -4.76 -5.15 -0.80
CA MET A 80 -5.80 -5.45 -1.76
C MET A 80 -5.57 -6.86 -2.36
N GLY A 81 -4.34 -7.13 -2.79
CA GLY A 81 -3.94 -8.47 -3.26
C GLY A 81 -4.23 -9.58 -2.26
N TRP A 82 -4.01 -9.31 -0.98
CA TRP A 82 -4.42 -10.20 0.11
C TRP A 82 -5.96 -10.36 0.24
N ARG A 83 -6.68 -9.25 0.30
CA ARG A 83 -8.15 -9.28 0.25
C ARG A 83 -8.69 -10.04 -0.95
N SER A 84 -8.07 -9.87 -2.11
CA SER A 84 -8.49 -10.59 -3.30
C SER A 84 -8.20 -12.09 -3.19
N PHE A 85 -7.06 -12.43 -2.59
CA PHE A 85 -6.72 -13.81 -2.34
C PHE A 85 -7.69 -14.48 -1.36
N THR A 86 -7.85 -13.88 -0.18
CA THR A 86 -8.61 -14.52 0.88
C THR A 86 -10.09 -14.62 0.53
N ASN A 87 -10.69 -13.54 0.05
CA ASN A 87 -12.14 -13.50 -0.15
C ASN A 87 -12.64 -14.23 -1.38
N VAL A 88 -11.93 -14.13 -2.48
CA VAL A 88 -12.43 -14.61 -3.77
C VAL A 88 -11.36 -15.38 -4.54
N ASN A 89 -10.29 -15.78 -3.84
CA ASN A 89 -9.23 -16.58 -4.43
C ASN A 89 -8.62 -16.02 -5.75
N SER A 90 -8.45 -14.69 -5.81
CA SER A 90 -7.76 -14.05 -6.96
C SER A 90 -8.56 -14.10 -8.29
N ALA A 91 -9.82 -14.52 -8.25
CA ALA A 91 -10.65 -14.52 -9.44
C ALA A 91 -11.11 -13.09 -9.81
N MET A 92 -11.09 -12.17 -8.84
CA MET A 92 -11.37 -10.74 -9.06
C MET A 92 -10.52 -9.89 -8.11
N LEU A 93 -10.56 -8.58 -8.33
CA LEU A 93 -9.86 -7.63 -7.46
C LEU A 93 -10.81 -7.06 -6.41
N TYR A 94 -10.60 -7.52 -5.18
CA TYR A 94 -11.42 -7.10 -4.05
C TYR A 94 -10.92 -5.73 -3.52
N PHE A 95 -11.14 -4.68 -4.32
CA PHE A 95 -10.81 -3.31 -3.91
C PHE A 95 -11.59 -2.98 -2.66
N ALA A 96 -12.86 -3.34 -2.67
CA ALA A 96 -13.71 -3.25 -1.50
C ALA A 96 -14.88 -4.18 -1.72
N PRO A 97 -15.70 -4.40 -0.69
CA PRO A 97 -16.87 -5.26 -0.89
C PRO A 97 -17.86 -4.72 -1.95
N ASP A 98 -17.92 -3.41 -2.09
CA ASP A 98 -18.86 -2.79 -3.00
C ASP A 98 -18.12 -2.29 -4.20
N LEU A 99 -16.89 -2.76 -4.39
CA LEU A 99 -16.08 -2.36 -5.55
C LEU A 99 -15.08 -3.46 -5.90
N VAL A 100 -15.62 -4.54 -6.42
CA VAL A 100 -14.84 -5.67 -6.86
C VAL A 100 -14.67 -5.59 -8.39
N PHE A 101 -13.44 -5.67 -8.92
CA PHE A 101 -13.22 -5.64 -10.41
C PHE A 101 -13.06 -7.01 -11.03
N ASN A 102 -13.98 -7.33 -11.94
CA ASN A 102 -13.77 -8.41 -12.91
C ASN A 102 -12.94 -7.87 -14.10
N GLU A 103 -12.54 -8.75 -15.01
CA GLU A 103 -11.62 -8.33 -16.09
C GLU A 103 -12.22 -7.21 -16.94
N TYR A 104 -13.54 -7.22 -17.11
CA TYR A 104 -14.25 -6.13 -17.84
C TYR A 104 -14.02 -4.77 -17.17
N ARG A 105 -14.17 -4.73 -15.86
CA ARG A 105 -13.85 -3.52 -15.11
C ARG A 105 -12.36 -3.16 -15.13
N MET A 106 -11.50 -4.15 -15.07
CA MET A 106 -10.06 -3.87 -15.20
C MET A 106 -9.75 -3.13 -16.49
N HIS A 107 -10.38 -3.56 -17.58
CA HIS A 107 -10.18 -2.93 -18.87
C HIS A 107 -10.89 -1.57 -18.92
N LYS A 108 -12.12 -1.50 -18.39
CA LYS A 108 -12.86 -0.25 -18.40
C LYS A 108 -12.19 0.87 -17.56
N SER A 109 -11.48 0.47 -16.51
CA SER A 109 -10.69 1.42 -15.68
C SER A 109 -9.52 2.05 -16.41
N ARG A 110 -9.02 1.41 -17.46
CA ARG A 110 -7.85 1.88 -18.21
C ARG A 110 -6.53 1.71 -17.43
N MET A 111 -6.58 0.86 -16.39
CA MET A 111 -5.39 0.39 -15.69
C MET A 111 -5.36 -1.14 -15.72
N TYR A 112 -5.48 -1.70 -16.90
CA TYR A 112 -5.52 -3.15 -17.07
C TYR A 112 -4.16 -3.80 -16.74
N SER A 113 -3.11 -3.22 -17.31
CA SER A 113 -1.79 -3.76 -17.07
C SER A 113 -1.58 -3.86 -15.56
N GLN A 114 -1.86 -2.77 -14.84
CA GLN A 114 -1.66 -2.73 -13.39
C GLN A 114 -2.59 -3.73 -12.70
N CYS A 115 -3.84 -3.78 -13.16
CA CYS A 115 -4.79 -4.70 -12.58
C CYS A 115 -4.38 -6.19 -12.73
N VAL A 116 -3.84 -6.56 -13.88
CA VAL A 116 -3.49 -7.94 -14.09
C VAL A 116 -2.28 -8.27 -13.21
N ARG A 117 -1.42 -7.28 -12.97
CA ARG A 117 -0.22 -7.45 -12.14
C ARG A 117 -0.56 -7.62 -10.69
N MET A 118 -1.58 -6.88 -10.25
CA MET A 118 -2.09 -7.01 -8.90
C MET A 118 -2.82 -8.34 -8.77
N ARG A 119 -3.26 -8.88 -9.90
CA ARG A 119 -3.78 -10.23 -9.93
C ARG A 119 -2.64 -11.26 -9.87
N HIS A 120 -1.51 -11.05 -10.59
CA HIS A 120 -0.30 -11.90 -10.38
C HIS A 120 -0.12 -12.02 -8.85
N LEU A 121 0.00 -10.84 -8.23
CA LEU A 121 0.34 -10.69 -6.82
C LEU A 121 -0.59 -11.42 -5.90
N SER A 122 -1.89 -11.23 -6.12
CA SER A 122 -2.91 -11.88 -5.32
C SER A 122 -2.73 -13.39 -5.37
N GLN A 123 -2.42 -13.91 -6.56
CA GLN A 123 -2.23 -15.33 -6.72
C GLN A 123 -0.97 -15.82 -6.02
N GLU A 124 0.02 -14.95 -5.84
CA GLU A 124 1.25 -15.35 -5.16
C GLU A 124 1.06 -15.53 -3.67
N PHE A 125 0.08 -14.84 -3.10
CA PHE A 125 -0.26 -15.09 -1.71
C PHE A 125 -0.62 -16.55 -1.48
N GLY A 126 -1.35 -17.11 -2.43
CA GLY A 126 -1.67 -18.52 -2.40
C GLY A 126 -0.48 -19.40 -2.74
N TRP A 127 0.22 -19.09 -3.83
CA TRP A 127 1.29 -19.96 -4.32
C TRP A 127 2.41 -20.07 -3.32
N LEU A 128 2.71 -18.97 -2.63
CA LEU A 128 3.78 -18.93 -1.62
C LEU A 128 3.26 -19.32 -0.23
N GLN A 129 1.96 -19.56 -0.13
CA GLN A 129 1.35 -19.98 1.16
C GLN A 129 1.59 -18.94 2.25
N ILE A 130 1.59 -17.67 1.88
CA ILE A 130 1.75 -16.58 2.84
C ILE A 130 0.78 -16.72 4.05
N THR A 131 1.35 -16.75 5.26
CA THR A 131 0.54 -16.84 6.48
C THR A 131 -0.03 -15.45 6.83
N PRO A 132 -1.15 -15.39 7.59
CA PRO A 132 -1.72 -14.06 7.92
C PRO A 132 -0.70 -13.16 8.61
N GLN A 133 0.10 -13.80 9.45
CA GLN A 133 1.14 -13.14 10.21
C GLN A 133 2.33 -12.72 9.33
N GLU A 134 2.68 -13.50 8.30
CA GLU A 134 3.61 -12.99 7.29
C GLU A 134 3.04 -11.74 6.59
N PHE A 135 1.77 -11.76 6.24
CA PHE A 135 1.15 -10.60 5.59
C PHE A 135 1.24 -9.33 6.44
N LEU A 136 0.85 -9.44 7.70
CA LEU A 136 0.86 -8.28 8.56
C LEU A 136 2.24 -7.63 8.68
N CYS A 137 3.26 -8.47 8.93
CA CYS A 137 4.63 -7.96 9.14
C CYS A 137 5.15 -7.41 7.85
N MET A 138 4.86 -8.11 6.77
CA MET A 138 5.27 -7.64 5.46
C MET A 138 4.63 -6.25 5.20
N LYS A 139 3.34 -6.11 5.49
CA LYS A 139 2.66 -4.85 5.24
C LYS A 139 3.25 -3.70 6.07
N ALA A 140 3.63 -4.00 7.31
CA ALA A 140 4.33 -3.02 8.15
C ALA A 140 5.65 -2.57 7.52
N LEU A 141 6.46 -3.54 7.12
CA LEU A 141 7.78 -3.25 6.53
C LEU A 141 7.67 -2.36 5.32
N LEU A 142 6.67 -2.66 4.49
CA LEU A 142 6.24 -1.79 3.38
C LEU A 142 6.09 -0.32 3.74
N LEU A 143 5.60 0.03 4.93
CA LEU A 143 5.49 1.45 5.26
C LEU A 143 6.87 2.13 5.33
N PHE A 144 7.91 1.34 5.60
CA PHE A 144 9.29 1.82 5.75
C PHE A 144 10.20 1.41 4.55
N SER A 145 9.62 1.39 3.36
CA SER A 145 10.30 0.93 2.15
C SER A 145 10.36 1.99 1.04
N ILE A 146 10.29 3.26 1.42
CA ILE A 146 10.34 4.33 0.42
C ILE A 146 10.87 5.64 1.00
N ILE A 147 12.11 5.97 0.60
CA ILE A 147 12.86 7.08 1.20
C ILE A 147 13.39 8.12 0.20
N PRO A 148 13.55 9.37 0.66
CA PRO A 148 14.08 10.39 -0.21
C PRO A 148 15.60 10.35 -0.32
N VAL A 149 16.08 10.60 -1.53
CA VAL A 149 17.51 10.66 -1.85
C VAL A 149 18.24 11.75 -1.03
N ASP A 150 17.54 12.87 -0.70
CA ASP A 150 18.08 14.01 0.11
C ASP A 150 17.98 13.73 1.61
N GLY A 151 17.46 12.56 1.98
CA GLY A 151 17.28 12.18 3.36
C GLY A 151 16.05 12.72 4.07
N LEU A 152 15.63 11.95 5.06
CA LEU A 152 14.57 12.33 5.97
C LEU A 152 15.13 13.35 6.94
N LYS A 153 14.26 13.95 7.75
CA LYS A 153 14.70 14.89 8.79
C LYS A 153 15.48 14.20 9.90
N ASN A 154 15.14 12.96 10.21
CA ASN A 154 15.99 12.14 11.06
C ASN A 154 16.10 10.72 10.51
N GLN A 155 17.10 10.55 9.66
CA GLN A 155 17.28 9.30 8.92
C GLN A 155 17.77 8.17 9.83
N LYS A 156 18.60 8.48 10.82
CA LYS A 156 19.07 7.45 11.75
C LYS A 156 17.89 6.68 12.36
N PHE A 157 16.87 7.41 12.80
CA PHE A 157 15.73 6.81 13.52
C PHE A 157 14.86 5.90 12.63
N PHE A 158 14.55 6.36 11.43
CA PHE A 158 13.97 5.51 10.38
C PHE A 158 14.81 4.24 10.12
N ASP A 159 16.11 4.41 9.92
CA ASP A 159 16.99 3.25 9.68
C ASP A 159 16.96 2.19 10.86
N GLU A 160 16.85 2.67 12.08
CA GLU A 160 16.74 1.84 13.28
C GLU A 160 15.37 1.11 13.26
N LEU A 161 14.34 1.86 12.92
CA LEU A 161 13.00 1.31 12.84
C LEU A 161 12.91 0.19 11.76
N ARG A 162 13.37 0.47 10.54
CA ARG A 162 13.37 -0.54 9.45
C ARG A 162 14.16 -1.82 9.80
N MET A 163 15.35 -1.65 10.35
CA MET A 163 16.15 -2.77 10.80
C MET A 163 15.32 -3.67 11.73
N ASN A 164 14.66 -3.05 12.70
CA ASN A 164 13.92 -3.83 13.68
C ASN A 164 12.65 -4.50 13.12
N TYR A 165 12.00 -3.89 12.14
CA TYR A 165 10.88 -4.55 11.48
C TYR A 165 11.33 -5.79 10.67
N ILE A 166 12.54 -5.69 10.11
CA ILE A 166 13.18 -6.79 9.41
C ILE A 166 13.55 -7.91 10.39
N LYS A 167 14.11 -7.54 11.53
CA LYS A 167 14.22 -8.45 12.68
C LYS A 167 12.93 -9.24 12.92
N GLU A 168 11.81 -8.54 13.03
CA GLU A 168 10.52 -9.14 13.37
C GLU A 168 10.07 -10.12 12.31
N LEU A 169 10.22 -9.73 11.05
CA LEU A 169 9.97 -10.65 9.98
C LEU A 169 10.89 -11.88 10.08
N ASP A 170 12.16 -11.71 10.52
CA ASP A 170 13.08 -12.84 10.71
C ASP A 170 12.54 -13.79 11.77
N ARG A 171 12.04 -13.21 12.84
CA ARG A 171 11.51 -14.01 13.89
C ARG A 171 10.29 -14.73 13.47
N ILE A 172 9.44 -14.05 12.69
CA ILE A 172 8.23 -14.67 12.17
C ILE A 172 8.59 -15.89 11.31
N ILE A 173 9.57 -15.70 10.43
CA ILE A 173 10.08 -16.78 9.60
C ILE A 173 10.35 -17.96 10.50
N ALA A 174 11.34 -17.84 11.35
CA ALA A 174 11.70 -18.87 12.27
C ALA A 174 10.56 -19.55 13.03
N LYS A 176 7.71 -23.06 12.80
CA LYS A 176 8.35 -24.24 12.21
C LYS A 176 9.84 -24.27 12.52
N ARG A 177 10.52 -23.16 12.27
CA ARG A 177 11.95 -23.06 12.52
C ARG A 177 12.69 -24.37 12.32
N LYS A 178 13.78 -24.57 13.07
CA LYS A 178 14.55 -25.80 12.84
C LYS A 178 15.16 -25.97 11.44
N ASN A 179 15.75 -24.89 10.93
CA ASN A 179 16.55 -24.91 9.70
C ASN A 179 16.85 -23.51 9.16
N PRO A 180 18.10 -23.07 9.26
CA PRO A 180 18.50 -21.75 8.73
C PRO A 180 18.29 -21.65 7.21
N THR A 181 18.54 -22.73 6.49
CA THR A 181 18.41 -22.74 5.02
C THR A 181 16.97 -22.56 4.60
N SER A 182 16.05 -23.11 5.38
CA SER A 182 14.61 -22.98 5.10
C SER A 182 14.15 -21.59 5.45
N CYS A 183 14.78 -21.00 6.46
CA CYS A 183 14.53 -19.61 6.83
C CYS A 183 14.97 -18.63 5.71
N SER A 184 16.11 -18.90 5.08
CA SER A 184 16.63 -18.05 4.00
C SER A 184 15.79 -18.16 2.77
N ARG A 185 15.43 -19.40 2.42
CA ARG A 185 14.61 -19.63 1.24
C ARG A 185 13.34 -18.82 1.38
N ARG A 186 12.73 -18.88 2.58
CA ARG A 186 11.54 -18.12 2.89
C ARG A 186 11.82 -16.60 2.84
N PHE A 187 12.94 -16.17 3.43
CA PHE A 187 13.29 -14.78 3.38
C PHE A 187 13.42 -14.29 1.94
N TYR A 188 14.05 -15.09 1.09
CA TYR A 188 14.23 -14.73 -0.31
C TYR A 188 12.87 -14.48 -0.97
N GLN A 189 12.01 -15.48 -0.88
CA GLN A 189 10.66 -15.42 -1.44
C GLN A 189 9.93 -14.19 -0.92
N LEU A 190 9.90 -13.96 0.39
CA LEU A 190 9.09 -12.82 0.91
C LEU A 190 9.58 -11.45 0.45
N THR A 191 10.90 -11.26 0.45
CA THR A 191 11.48 -10.00 0.04
C THR A 191 11.26 -9.77 -1.45
N LYS A 192 11.26 -10.86 -2.24
CA LYS A 192 10.92 -10.79 -3.68
C LYS A 192 9.48 -10.39 -3.90
N LEU A 193 8.56 -11.01 -3.16
CA LEU A 193 7.16 -10.57 -3.15
C LEU A 193 7.03 -9.09 -2.78
N LEU A 194 7.72 -8.67 -1.75
CA LEU A 194 7.69 -7.24 -1.35
C LEU A 194 8.18 -6.30 -2.46
N ASP A 195 9.36 -6.60 -3.03
CA ASP A 195 9.91 -5.79 -4.12
C ASP A 195 8.96 -5.60 -5.33
N SER A 196 8.18 -6.64 -5.64
CA SER A 196 7.29 -6.62 -6.79
C SER A 196 6.05 -5.71 -6.58
N VAL A 197 5.89 -5.15 -5.38
CA VAL A 197 4.77 -4.27 -5.12
C VAL A 197 5.08 -2.89 -5.73
N GLN A 198 6.37 -2.57 -5.79
CA GLN A 198 6.86 -1.25 -6.11
C GLN A 198 6.72 -0.80 -7.57
N PRO A 199 6.99 -1.68 -8.53
CA PRO A 199 6.71 -1.31 -9.91
C PRO A 199 5.24 -1.12 -10.19
N ILE A 200 4.40 -1.82 -9.45
CA ILE A 200 2.96 -1.73 -9.61
C ILE A 200 2.53 -0.35 -9.09
N ALA A 201 3.02 0.00 -7.90
CA ALA A 201 2.69 1.27 -7.31
C ALA A 201 3.17 2.40 -8.23
N ARG A 202 4.36 2.20 -8.78
CA ARG A 202 4.95 3.11 -9.78
C ARG A 202 4.05 3.31 -11.02
N GLU A 203 3.58 2.22 -11.62
CA GLU A 203 2.61 2.29 -12.75
C GLU A 203 1.31 3.00 -12.30
N LEU A 204 0.88 2.69 -11.08
CA LEU A 204 -0.36 3.24 -10.53
C LEU A 204 -0.19 4.75 -10.25
N HIS A 205 0.95 5.12 -9.66
CA HIS A 205 1.29 6.52 -9.47
C HIS A 205 1.34 7.28 -10.77
N GLN A 206 1.94 6.66 -11.79
CA GLN A 206 2.09 7.34 -13.08
C GLN A 206 0.71 7.59 -13.71
N PHE A 207 -0.14 6.59 -13.61
CA PHE A 207 -1.49 6.66 -14.13
C PHE A 207 -2.35 7.69 -13.39
N THR A 208 -2.27 7.73 -12.05
CA THR A 208 -3.12 8.67 -11.35
C THR A 208 -2.60 10.08 -11.54
N PHE A 209 -1.28 10.24 -11.61
CA PHE A 209 -0.70 11.52 -11.96
C PHE A 209 -1.32 12.04 -13.26
N ASP A 210 -1.22 11.23 -14.31
CA ASP A 210 -1.77 11.58 -15.60
C ASP A 210 -3.25 11.81 -15.58
N LEU A 211 -3.97 11.04 -14.77
CA LEU A 211 -5.39 11.23 -14.62
C LEU A 211 -5.76 12.57 -13.93
N LEU A 212 -5.05 12.95 -12.88
CA LEU A 212 -5.32 14.24 -12.22
C LEU A 212 -5.12 15.39 -13.21
N ILE A 213 -3.94 15.42 -13.84
CA ILE A 213 -3.60 16.46 -14.82
C ILE A 213 -4.69 16.71 -15.89
N LYS A 214 -5.46 15.68 -16.23
CA LYS A 214 -6.44 15.84 -17.28
C LYS A 214 -7.85 15.56 -16.78
N SER A 215 -8.04 15.55 -15.46
CA SER A 215 -9.32 15.11 -14.86
C SER A 215 -10.53 15.93 -15.32
N HIS A 216 -10.35 17.24 -15.52
CA HIS A 216 -11.45 18.10 -16.00
C HIS A 216 -11.93 17.65 -17.37
N MET A 217 -11.00 17.10 -18.15
CA MET A 217 -11.29 16.61 -19.49
C MET A 217 -12.11 15.31 -19.49
N VAL A 218 -12.10 14.56 -18.37
CA VAL A 218 -12.73 13.22 -18.34
C VAL A 218 -13.76 13.05 -17.20
N SER A 219 -14.14 14.16 -16.57
CA SER A 219 -15.16 14.17 -15.50
C SER A 219 -14.90 13.09 -14.45
N VAL A 220 -13.68 13.12 -13.93
CA VAL A 220 -13.23 12.31 -12.82
C VAL A 220 -12.95 13.25 -11.66
N ASP A 221 -13.62 13.03 -10.53
CA ASP A 221 -13.50 13.91 -9.37
C ASP A 221 -12.47 13.39 -8.41
N PHE A 222 -11.59 14.30 -7.97
CA PHE A 222 -10.62 13.99 -6.95
C PHE A 222 -10.96 14.70 -5.67
N PRO A 223 -10.94 13.96 -4.56
CA PRO A 223 -11.10 14.68 -3.32
C PRO A 223 -9.90 15.61 -3.14
N GLU A 224 -10.19 16.75 -2.54
CA GLU A 224 -9.20 17.74 -2.14
C GLU A 224 -7.86 17.10 -1.77
N MET A 225 -7.93 16.21 -0.81
CA MET A 225 -6.73 15.68 -0.19
C MET A 225 -5.89 14.85 -1.13
N MET A 226 -6.52 14.00 -1.95
CA MET A 226 -5.78 13.11 -2.85
C MET A 226 -5.17 13.91 -3.98
N ALA A 227 -5.85 14.98 -4.40
CA ALA A 227 -5.29 15.92 -5.39
C ALA A 227 -4.02 16.61 -4.88
N GLU A 228 -3.98 16.93 -3.60
CA GLU A 228 -2.78 17.53 -3.01
C GLU A 228 -1.63 16.53 -2.99
N ILE A 229 -1.91 15.31 -2.55
CA ILE A 229 -0.89 14.27 -2.45
C ILE A 229 -0.30 13.86 -3.79
N ILE A 230 -1.17 13.64 -4.75
CA ILE A 230 -0.78 13.37 -6.14
C ILE A 230 0.08 14.51 -6.69
N SER A 231 -0.34 15.75 -6.45
CA SER A 231 0.34 16.88 -7.06
C SER A 231 1.60 17.31 -6.26
N VAL A 232 1.69 16.92 -4.99
CA VAL A 232 2.76 17.41 -4.11
C VAL A 232 3.78 16.35 -3.71
N GLN A 233 3.31 15.12 -3.46
CA GLN A 233 4.21 14.03 -3.00
C GLN A 233 4.54 13.07 -4.13
N VAL A 234 3.51 12.61 -4.81
CA VAL A 234 3.67 11.67 -5.93
C VAL A 234 4.73 12.04 -6.99
N PRO A 235 4.81 13.32 -7.40
CA PRO A 235 5.79 13.61 -8.46
C PRO A 235 7.23 13.45 -7.98
N LYS A 236 7.45 13.54 -6.67
CA LYS A 236 8.75 13.26 -6.07
C LYS A 236 9.20 11.83 -6.28
N ILE A 237 8.23 10.93 -6.35
CA ILE A 237 8.52 9.54 -6.62
C ILE A 237 8.77 9.36 -8.11
N LEU A 238 7.92 9.99 -8.91
CA LEU A 238 8.02 9.84 -10.37
C LEU A 238 9.23 10.58 -10.91
N SER A 239 9.65 11.68 -10.27
CA SER A 239 10.84 12.45 -10.68
C SER A 239 12.15 11.81 -10.20
N GLY A 240 12.04 10.75 -9.40
CA GLY A 240 13.21 10.06 -8.89
C GLY A 240 13.86 10.68 -7.67
N LYS A 241 13.15 11.60 -7.01
CA LYS A 241 13.66 12.23 -5.77
C LYS A 241 13.43 11.36 -4.56
N VAL A 242 12.41 10.51 -4.67
CA VAL A 242 11.99 9.62 -3.61
C VAL A 242 11.92 8.25 -4.27
N LYS A 243 12.51 7.25 -3.62
CA LYS A 243 12.80 5.96 -4.21
C LYS A 243 12.48 4.80 -3.29
N PRO A 244 11.88 3.73 -3.84
CA PRO A 244 11.70 2.49 -3.10
C PRO A 244 13.02 1.93 -2.66
N ILE A 245 13.04 1.34 -1.48
CA ILE A 245 14.17 0.55 -1.09
C ILE A 245 13.86 -0.86 -1.57
N TYR A 246 14.62 -1.28 -2.58
CA TYR A 246 14.56 -2.67 -3.10
C TYR A 246 15.54 -3.59 -2.37
N PHE A 247 15.02 -4.73 -1.91
CA PHE A 247 15.87 -5.78 -1.37
C PHE A 247 16.82 -6.34 -2.43
N HIS A 248 16.31 -6.65 -3.62
CA HIS A 248 17.13 -7.27 -4.69
C HIS A 248 17.57 -6.21 -5.70
N THR A 249 17.91 -6.58 -6.92
CA THR A 249 18.30 -5.56 -7.92
C THR A 249 17.80 -5.91 -9.32
N ASP B 2 1.61 19.67 2.06
CA ASP B 2 0.67 20.80 2.36
C ASP B 2 -0.41 20.47 3.45
N SER B 3 -1.30 21.44 3.69
CA SER B 3 -2.15 21.47 4.87
C SER B 3 -3.27 20.44 4.90
N ALA B 4 -3.84 20.03 3.77
CA ALA B 4 -4.94 19.04 3.86
C ALA B 4 -4.55 17.69 4.54
N PHE B 5 -3.43 17.09 4.15
CA PHE B 5 -2.97 15.86 4.78
C PHE B 5 -2.43 16.09 6.21
N SER B 6 -1.73 17.21 6.42
CA SER B 6 -1.27 17.57 7.77
C SER B 6 -2.48 17.57 8.72
N ARG B 7 -3.53 18.29 8.30
CA ARG B 7 -4.70 18.45 9.08
C ARG B 7 -5.39 17.13 9.41
N LEU B 8 -5.56 16.26 8.43
CA LEU B 8 -6.00 14.87 8.70
C LEU B 8 -5.10 14.24 9.77
N TYR B 9 -3.79 14.26 9.52
CA TYR B 9 -2.81 13.63 10.41
C TYR B 9 -2.84 14.19 11.85
N THR B 10 -2.95 15.51 11.97
CA THR B 10 -3.13 16.21 13.26
C THR B 10 -4.49 15.85 13.94
N ARG B 11 -5.49 15.54 13.13
CA ARG B 11 -6.82 15.21 13.63
C ARG B 11 -6.81 13.70 13.51
N SER B 12 -7.98 13.08 13.62
CA SER B 12 -8.10 11.63 13.52
C SER B 12 -7.32 10.82 12.50
#